data_8PJM
#
_entry.id   8PJM
#
_cell.length_a   63.653
_cell.length_b   74.086
_cell.length_c   78.739
_cell.angle_alpha   90.000
_cell.angle_beta   90.000
_cell.angle_gamma   90.000
#
_symmetry.space_group_name_H-M   'I 2 2 2'
#
loop_
_entity.id
_entity.type
_entity.pdbx_description
1 polymer 'Beta-lactamase VIM-2'
2 non-polymer 'ZINC ION'
3 non-polymer 'CHLORIDE ION'
4 non-polymer 'SODIUM ION'
5 non-polymer ~{N}-[[(3~{R})-1,1-bis(oxidanyl)-3~{H}-2,1$l^{4}-benzoxaborol-3-yl]methyl]pyrrolidine-1-sulfonamide
6 water water
#
_entity_poly.entity_id   1
_entity_poly.type   'polypeptide(L)'
_entity_poly.pdbx_seq_one_letter_code
;GPVDSSGEYPTVSEIPVGEVRLYQIADGVWSHIATQSFDGAVYPSNGLIVRDGDELLLIDTAWGAKNTAALLAEIEKQIG
LPVTRAVSTHFHDDRVGGVDVLRAAGVATYASPSTRRLAEVEGNEIPTHSLEGLSSSGDAVRFGPVELFYPGAAHSTDNL
VVYVPSASVLYGGCAIYELSRTSAGNVADADLAEWPTSIERIQQHYPEAQFVIPGHGLPGGLDLLKHTTNVVKAHTNRSV
VE
;
_entity_poly.pdbx_strand_id   AAAA
#
loop_
_chem_comp.id
_chem_comp.type
_chem_comp.name
_chem_comp.formula
A1H7J non-polymer ~{N}-[[(3~{R})-1,1-bis(oxidanyl)-3~{H}-2,1$l^{4}-benzoxaborol-3-yl]methyl]pyrrolidine-1-sulfonamide 'C12 H18 B N2 O5 S'
CL non-polymer 'CHLORIDE ION' 'Cl -1'
NA non-polymer 'SODIUM ION' 'Na 1'
ZN non-polymer 'ZINC ION' 'Zn 2'
#
# COMPACT_ATOMS: atom_id res chain seq x y z
N GLU A 8 11.06 -10.39 13.45
CA GLU A 8 11.17 -11.39 12.39
C GLU A 8 10.66 -10.86 11.03
N TYR A 9 10.35 -9.55 10.92
CA TYR A 9 9.82 -9.02 9.66
C TYR A 9 10.91 -9.09 8.60
N PRO A 10 10.63 -9.62 7.41
CA PRO A 10 11.70 -9.80 6.43
C PRO A 10 12.18 -8.49 5.85
N THR A 11 13.48 -8.41 5.65
CA THR A 11 14.14 -7.24 5.11
C THR A 11 14.54 -7.48 3.66
N VAL A 12 14.94 -6.40 3.01
CA VAL A 12 15.26 -6.41 1.60
C VAL A 12 16.30 -7.49 1.27
N SER A 13 17.29 -7.70 2.15
CA SER A 13 18.34 -8.67 1.86
C SER A 13 17.87 -10.11 2.00
N GLU A 14 16.68 -10.31 2.54
CA GLU A 14 16.19 -11.64 2.88
C GLU A 14 15.14 -12.13 1.89
N ILE A 15 14.88 -11.37 0.83
CA ILE A 15 13.91 -11.75 -0.19
C ILE A 15 14.51 -11.63 -1.59
N PRO A 16 14.78 -12.71 -2.28
CA PRO A 16 15.24 -12.61 -3.67
C PRO A 16 14.18 -11.96 -4.55
N VAL A 17 14.63 -11.14 -5.52
CA VAL A 17 13.71 -10.55 -6.47
C VAL A 17 13.02 -11.69 -7.20
N GLY A 18 11.69 -11.69 -7.21
CA GLY A 18 10.94 -12.76 -7.81
C GLY A 18 10.24 -13.64 -6.79
N GLU A 19 10.59 -13.54 -5.53
CA GLU A 19 9.94 -14.29 -4.46
CA GLU A 19 9.94 -14.29 -4.46
C GLU A 19 9.13 -13.35 -3.58
N VAL A 20 8.14 -13.92 -2.93
CA VAL A 20 7.27 -13.16 -2.05
C VAL A 20 7.17 -13.87 -0.70
N ARG A 21 7.23 -13.08 0.37
CA ARG A 21 7.02 -13.60 1.70
C ARG A 21 5.79 -12.96 2.30
N LEU A 22 5.16 -13.68 3.21
CA LEU A 22 4.00 -13.22 3.95
C LEU A 22 4.36 -13.10 5.41
N TYR A 23 3.78 -12.13 6.09
CA TYR A 23 4.01 -11.92 7.51
C TYR A 23 2.66 -11.71 8.16
N GLN A 24 2.30 -12.60 9.10
CA GLN A 24 1.00 -12.48 9.76
C GLN A 24 1.12 -11.43 10.86
N ILE A 25 0.32 -10.38 10.75
CA ILE A 25 0.27 -9.29 11.72
C ILE A 25 -0.72 -9.56 12.85
N ALA A 26 -1.87 -10.15 12.51
CA ALA A 26 -2.94 -10.36 13.46
C ALA A 26 -3.83 -11.44 12.86
N ASP A 27 -4.83 -11.85 13.62
CA ASP A 27 -5.79 -12.82 13.10
C ASP A 27 -6.38 -12.29 11.79
N GLY A 28 -6.19 -13.05 10.72
CA GLY A 28 -6.76 -12.67 9.44
C GLY A 28 -6.12 -11.47 8.76
N VAL A 29 -4.91 -11.07 9.14
CA VAL A 29 -4.25 -9.90 8.54
C VAL A 29 -2.79 -10.22 8.32
N TRP A 30 -2.33 -10.07 7.10
CA TRP A 30 -0.96 -10.33 6.73
C TRP A 30 -0.45 -9.15 5.92
N SER A 31 0.86 -8.96 5.92
CA SER A 31 1.47 -8.22 4.85
C SER A 31 2.10 -9.18 3.88
N HIS A 32 2.27 -8.72 2.65
CA HIS A 32 3.08 -9.38 1.66
C HIS A 32 4.27 -8.51 1.34
N ILE A 33 5.42 -9.15 1.16
CA ILE A 33 6.69 -8.47 0.97
C ILE A 33 7.39 -9.03 -0.24
N ALA A 34 7.79 -8.14 -1.15
CA ALA A 34 8.50 -8.50 -2.36
C ALA A 34 9.65 -7.52 -2.52
N THR A 35 10.48 -7.73 -3.53
CA THR A 35 11.58 -6.83 -3.82
C THR A 35 11.66 -6.58 -5.31
N GLN A 36 12.30 -5.47 -5.65
CA GLN A 36 12.41 -5.10 -7.05
C GLN A 36 13.65 -4.26 -7.26
N SER A 37 14.23 -4.41 -8.44
CA SER A 37 15.34 -3.56 -8.85
C SER A 37 14.76 -2.29 -9.44
N PHE A 38 15.23 -1.14 -8.96
CA PHE A 38 14.79 0.12 -9.50
C PHE A 38 15.90 1.15 -9.36
N ASP A 39 16.20 1.84 -10.47
CA ASP A 39 17.20 2.89 -10.48
C ASP A 39 18.55 2.37 -9.97
N GLY A 40 18.81 1.09 -10.16
CA GLY A 40 20.09 0.53 -9.80
C GLY A 40 20.22 0.07 -8.35
N ALA A 41 19.16 0.15 -7.56
CA ALA A 41 19.15 -0.38 -6.21
C ALA A 41 18.10 -1.47 -6.11
N VAL A 42 18.08 -2.20 -5.00
CA VAL A 42 17.01 -3.15 -4.72
C VAL A 42 16.21 -2.63 -3.53
N TYR A 43 14.89 -2.57 -3.69
CA TYR A 43 13.96 -2.08 -2.67
C TYR A 43 13.00 -3.18 -2.27
N PRO A 44 12.63 -3.24 -0.99
CA PRO A 44 11.49 -4.07 -0.58
C PRO A 44 10.22 -3.28 -0.80
N SER A 45 9.09 -3.98 -0.84
CA SER A 45 7.80 -3.34 -0.99
C SER A 45 6.74 -4.20 -0.32
N ASN A 46 5.82 -3.56 0.41
CA ASN A 46 4.76 -4.21 1.15
C ASN A 46 3.41 -3.99 0.48
N GLY A 47 2.55 -4.98 0.66
CA GLY A 47 1.12 -4.79 0.52
C GLY A 47 0.43 -5.49 1.67
N LEU A 48 -0.88 -5.67 1.57
CA LEU A 48 -1.67 -6.22 2.67
C LEU A 48 -2.59 -7.31 2.14
N ILE A 49 -2.92 -8.25 3.01
CA ILE A 49 -3.92 -9.27 2.74
C ILE A 49 -4.81 -9.30 3.95
N VAL A 50 -6.13 -9.24 3.73
CA VAL A 50 -7.09 -9.26 4.83
C VAL A 50 -8.14 -10.34 4.57
N ARG A 51 -8.34 -11.23 5.54
CA ARG A 51 -9.35 -12.26 5.40
C ARG A 51 -10.73 -11.63 5.35
N ASP A 52 -11.52 -12.07 4.37
CA ASP A 52 -12.84 -11.53 4.07
C ASP A 52 -13.80 -12.72 4.08
N GLY A 53 -14.18 -13.14 5.28
CA GLY A 53 -14.98 -14.34 5.44
C GLY A 53 -14.18 -15.56 5.02
N ASP A 54 -14.61 -16.22 3.94
CA ASP A 54 -13.88 -17.36 3.40
C ASP A 54 -13.13 -16.99 2.13
N GLU A 55 -12.93 -15.69 1.90
CA GLU A 55 -12.17 -15.15 0.78
C GLU A 55 -11.08 -14.23 1.33
N LEU A 56 -10.26 -13.69 0.43
CA LEU A 56 -9.25 -12.72 0.79
C LEU A 56 -9.40 -11.46 -0.03
N LEU A 57 -9.21 -10.33 0.64
CA LEU A 57 -9.01 -9.04 0.00
C LEU A 57 -7.52 -8.70 -0.04
N LEU A 58 -7.02 -8.41 -1.23
CA LEU A 58 -5.63 -8.03 -1.42
C LEU A 58 -5.52 -6.52 -1.56
N ILE A 59 -4.55 -5.94 -0.86
CA ILE A 59 -4.21 -4.53 -1.02
C ILE A 59 -2.84 -4.47 -1.69
N ASP A 60 -2.84 -3.95 -2.92
CA ASP A 60 -1.66 -3.71 -3.75
C ASP A 60 -1.05 -4.96 -4.36
N THR A 61 -0.50 -4.82 -5.56
CA THR A 61 0.26 -5.90 -6.18
C THR A 61 1.61 -6.01 -5.48
N ALA A 62 2.40 -6.98 -5.94
CA ALA A 62 3.75 -7.20 -5.44
C ALA A 62 4.81 -6.60 -6.35
N TRP A 63 4.46 -5.58 -7.12
CA TRP A 63 5.40 -4.79 -7.91
C TRP A 63 5.90 -5.60 -9.10
N GLY A 64 4.99 -5.82 -10.03
CA GLY A 64 5.30 -6.45 -11.29
C GLY A 64 4.57 -7.75 -11.49
N ALA A 65 4.48 -8.17 -12.74
CA ALA A 65 3.79 -9.40 -13.10
C ALA A 65 4.44 -10.63 -12.48
N LYS A 66 5.77 -10.77 -12.59
CA LYS A 66 6.43 -11.95 -12.06
C LYS A 66 6.23 -12.04 -10.54
N ASN A 67 6.46 -10.94 -9.83
CA ASN A 67 6.26 -10.97 -8.38
C ASN A 67 4.81 -11.24 -8.02
N THR A 68 3.87 -10.67 -8.77
CA THR A 68 2.46 -10.87 -8.42
C THR A 68 2.00 -12.30 -8.69
N ALA A 69 2.54 -12.96 -9.70
CA ALA A 69 2.28 -14.38 -9.86
C ALA A 69 2.84 -15.14 -8.66
N ALA A 70 4.02 -14.77 -8.19
CA ALA A 70 4.58 -15.43 -7.01
C ALA A 70 3.75 -15.14 -5.76
N LEU A 71 3.21 -13.94 -5.65
CA LEU A 71 2.32 -13.58 -4.54
C LEU A 71 1.12 -14.50 -4.49
N LEU A 72 0.44 -14.69 -5.62
CA LEU A 72 -0.74 -15.54 -5.62
C LEU A 72 -0.37 -16.96 -5.24
N ALA A 73 0.78 -17.44 -5.72
CA ALA A 73 1.21 -18.79 -5.36
C ALA A 73 1.47 -18.91 -3.86
N GLU A 74 2.15 -17.91 -3.28
N GLU A 74 2.17 -17.93 -3.27
CA GLU A 74 2.46 -17.96 -1.86
CA GLU A 74 2.44 -17.99 -1.84
C GLU A 74 1.21 -17.85 -1.01
C GLU A 74 1.15 -17.94 -1.04
N ILE A 75 0.21 -17.08 -1.46
CA ILE A 75 -1.05 -17.00 -0.76
C ILE A 75 -1.74 -18.34 -0.74
N GLU A 76 -1.77 -19.05 -1.88
CA GLU A 76 -2.42 -20.34 -1.88
C GLU A 76 -1.66 -21.31 -1.00
N LYS A 77 -0.34 -21.27 -1.04
CA LYS A 77 0.48 -22.19 -0.26
C LYS A 77 0.29 -21.98 1.24
N GLN A 78 0.26 -20.72 1.67
N GLN A 78 0.29 -20.72 1.69
CA GLN A 78 0.36 -20.38 3.09
CA GLN A 78 0.34 -20.45 3.13
C GLN A 78 -0.97 -20.08 3.75
C GLN A 78 -1.03 -20.20 3.74
N ILE A 79 -1.98 -19.68 2.99
CA ILE A 79 -3.29 -19.31 3.52
C ILE A 79 -4.39 -20.19 2.98
N GLY A 80 -4.42 -20.40 1.66
CA GLY A 80 -5.35 -21.37 1.10
C GLY A 80 -6.77 -20.88 0.97
N LEU A 81 -6.98 -19.58 0.89
CA LEU A 81 -8.27 -18.99 0.57
C LEU A 81 -8.11 -18.17 -0.70
N PRO A 82 -9.17 -18.05 -1.49
CA PRO A 82 -9.05 -17.36 -2.78
C PRO A 82 -9.03 -15.85 -2.62
N VAL A 83 -8.14 -15.22 -3.37
CA VAL A 83 -8.16 -13.77 -3.51
C VAL A 83 -9.26 -13.43 -4.50
N THR A 84 -10.28 -12.70 -4.04
CA THR A 84 -11.40 -12.37 -4.88
C THR A 84 -11.45 -10.92 -5.28
N ARG A 85 -10.87 -10.03 -4.48
CA ARG A 85 -10.85 -8.61 -4.77
C ARG A 85 -9.48 -8.06 -4.42
N ALA A 86 -9.07 -7.04 -5.15
CA ALA A 86 -7.83 -6.33 -4.88
C ALA A 86 -8.06 -4.83 -5.03
N VAL A 87 -7.40 -4.04 -4.19
CA VAL A 87 -7.42 -2.58 -4.24
C VAL A 87 -6.00 -2.11 -4.41
N SER A 88 -5.77 -1.24 -5.40
CA SER A 88 -4.49 -0.58 -5.55
C SER A 88 -4.59 0.82 -4.95
N THR A 89 -3.60 1.17 -4.12
CA THR A 89 -3.68 2.39 -3.32
C THR A 89 -3.11 3.62 -4.00
N HIS A 90 -2.39 3.48 -5.11
CA HIS A 90 -2.13 4.59 -6.04
C HIS A 90 -1.65 3.99 -7.36
N PHE A 91 -1.28 4.86 -8.30
CA PHE A 91 -1.09 4.44 -9.69
C PHE A 91 0.30 3.94 -10.04
N HIS A 92 1.27 3.98 -9.14
CA HIS A 92 2.61 3.56 -9.48
C HIS A 92 2.72 2.04 -9.59
N ASP A 93 3.83 1.59 -10.20
CA ASP A 93 3.99 0.18 -10.56
CA ASP A 93 4.01 0.18 -10.58
C ASP A 93 4.11 -0.77 -9.37
N ASP A 94 4.53 -0.29 -8.20
CA ASP A 94 4.52 -1.15 -7.03
C ASP A 94 3.14 -1.36 -6.46
N ARG A 95 2.13 -0.73 -7.04
CA ARG A 95 0.74 -0.85 -6.59
C ARG A 95 -0.18 -1.46 -7.63
N VAL A 96 0.05 -1.15 -8.92
CA VAL A 96 -0.75 -1.69 -10.01
C VAL A 96 0.04 -2.63 -10.93
N GLY A 97 1.36 -2.69 -10.84
CA GLY A 97 2.10 -3.57 -11.72
C GLY A 97 1.83 -5.00 -11.32
N GLY A 98 1.20 -5.76 -12.19
CA GLY A 98 0.68 -7.07 -11.83
C GLY A 98 -0.83 -7.16 -11.81
N VAL A 99 -1.54 -6.06 -12.03
CA VAL A 99 -2.99 -6.10 -12.09
C VAL A 99 -3.49 -7.06 -13.17
N ASP A 100 -2.78 -7.14 -14.30
CA ASP A 100 -3.23 -8.05 -15.35
C ASP A 100 -3.10 -9.52 -14.91
N VAL A 101 -2.06 -9.85 -14.13
CA VAL A 101 -1.96 -11.18 -13.56
C VAL A 101 -3.14 -11.46 -12.62
N LEU A 102 -3.47 -10.49 -11.77
CA LEU A 102 -4.64 -10.64 -10.88
C LEU A 102 -5.89 -10.85 -11.70
N ARG A 103 -6.09 -10.05 -12.74
CA ARG A 103 -7.30 -10.14 -13.53
C ARG A 103 -7.41 -11.50 -14.20
N ALA A 104 -6.30 -12.01 -14.73
CA ALA A 104 -6.33 -13.30 -15.39
C ALA A 104 -6.64 -14.41 -14.41
N ALA A 105 -6.30 -14.24 -13.15
CA ALA A 105 -6.60 -15.21 -12.10
C ALA A 105 -8.01 -15.07 -11.55
N GLY A 106 -8.84 -14.19 -12.09
CA GLY A 106 -10.21 -14.04 -11.65
C GLY A 106 -10.41 -13.10 -10.50
N VAL A 107 -9.40 -12.30 -10.16
CA VAL A 107 -9.51 -11.31 -9.09
C VAL A 107 -10.16 -10.07 -9.66
N ALA A 108 -11.12 -9.51 -8.94
CA ALA A 108 -11.72 -8.25 -9.30
C ALA A 108 -10.85 -7.12 -8.75
N THR A 109 -10.29 -6.35 -9.66
CA THR A 109 -9.32 -5.32 -9.31
C THR A 109 -10.02 -3.96 -9.25
N TYR A 110 -9.70 -3.17 -8.21
CA TYR A 110 -10.32 -1.91 -7.90
C TYR A 110 -9.28 -0.83 -7.68
N ALA A 111 -9.65 0.40 -8.03
CA ALA A 111 -8.90 1.61 -7.62
C ALA A 111 -9.88 2.78 -7.69
N SER A 112 -9.47 3.90 -7.12
CA SER A 112 -10.27 5.10 -7.28
C SER A 112 -10.27 5.56 -8.73
N PRO A 113 -11.25 6.37 -9.11
CA PRO A 113 -11.20 6.96 -10.47
C PRO A 113 -9.94 7.74 -10.72
N SER A 114 -9.42 8.42 -9.71
CA SER A 114 -8.20 9.21 -9.90
C SER A 114 -7.01 8.30 -10.16
N THR A 115 -6.91 7.20 -9.44
CA THR A 115 -5.85 6.24 -9.67
C THR A 115 -5.95 5.63 -11.05
N ARG A 116 -7.15 5.24 -11.47
CA ARG A 116 -7.30 4.65 -12.80
C ARG A 116 -6.87 5.63 -13.89
N ARG A 117 -7.24 6.91 -13.75
CA ARG A 117 -6.87 7.89 -14.75
C ARG A 117 -5.37 8.13 -14.75
N LEU A 118 -4.76 8.24 -13.59
CA LEU A 118 -3.32 8.50 -13.53
C LEU A 118 -2.55 7.32 -14.07
N ALA A 119 -3.01 6.11 -13.79
CA ALA A 119 -2.35 4.94 -14.34
C ALA A 119 -2.40 4.99 -15.85
N GLU A 120 -3.56 5.36 -16.42
N GLU A 120 -3.56 5.35 -16.42
CA GLU A 120 -3.67 5.49 -17.87
CA GLU A 120 -3.64 5.47 -17.88
C GLU A 120 -2.71 6.54 -18.41
C GLU A 120 -2.68 6.53 -18.39
N VAL A 121 -2.64 7.70 -17.76
CA VAL A 121 -1.71 8.73 -18.20
C VAL A 121 -0.26 8.25 -18.16
N GLU A 122 0.10 7.53 -17.11
CA GLU A 122 1.47 7.08 -16.91
C GLU A 122 1.85 5.89 -17.79
N GLY A 123 0.87 5.13 -18.24
CA GLY A 123 1.13 3.88 -18.95
C GLY A 123 1.15 2.66 -18.07
N ASN A 124 0.62 2.75 -16.86
CA ASN A 124 0.61 1.61 -15.96
C ASN A 124 -0.70 0.84 -16.07
N GLU A 125 -0.70 -0.39 -15.55
CA GLU A 125 -1.89 -1.24 -15.60
C GLU A 125 -3.05 -0.59 -14.85
N ILE A 126 -4.25 -0.78 -15.37
CA ILE A 126 -5.44 -0.08 -14.91
C ILE A 126 -6.37 -1.07 -14.23
N PRO A 127 -6.60 -0.96 -12.92
CA PRO A 127 -7.60 -1.81 -12.26
C PRO A 127 -8.96 -1.65 -12.91
N THR A 128 -9.75 -2.73 -12.91
CA THR A 128 -10.99 -2.75 -13.67
C THR A 128 -12.08 -1.85 -13.06
N HIS A 129 -12.34 -1.99 -11.76
CA HIS A 129 -13.46 -1.36 -11.10
C HIS A 129 -13.04 -0.03 -10.50
N SER A 130 -13.99 0.88 -10.42
CA SER A 130 -13.80 2.19 -9.82
C SER A 130 -14.44 2.26 -8.44
N LEU A 131 -13.66 2.64 -7.45
CA LEU A 131 -14.17 2.88 -6.11
C LEU A 131 -14.88 4.22 -6.02
N GLU A 132 -16.09 4.22 -5.49
CA GLU A 132 -16.83 5.45 -5.29
C GLU A 132 -16.62 5.97 -3.87
N GLY A 133 -16.76 7.29 -3.73
CA GLY A 133 -16.78 7.92 -2.42
C GLY A 133 -15.44 8.30 -1.85
N LEU A 134 -14.40 8.41 -2.67
CA LEU A 134 -13.06 8.69 -2.17
C LEU A 134 -12.43 9.91 -2.82
N SER A 135 -13.23 10.79 -3.41
CA SER A 135 -12.73 11.87 -4.25
C SER A 135 -12.27 13.10 -3.49
N SER A 136 -12.61 13.26 -2.21
CA SER A 136 -12.27 14.47 -1.47
C SER A 136 -11.51 14.11 -0.20
N SER A 137 -10.53 14.94 0.13
CA SER A 137 -9.71 14.72 1.32
CA SER A 137 -9.71 14.70 1.31
C SER A 137 -10.61 14.52 2.54
N GLY A 138 -10.33 13.47 3.29
CA GLY A 138 -11.11 13.10 4.45
C GLY A 138 -12.20 12.08 4.17
N ASP A 139 -12.40 11.68 2.92
CA ASP A 139 -13.43 10.70 2.60
C ASP A 139 -12.98 9.32 3.02
N ALA A 140 -13.91 8.54 3.58
CA ALA A 140 -13.64 7.16 3.94
C ALA A 140 -14.81 6.31 3.48
N VAL A 141 -14.50 5.11 3.04
CA VAL A 141 -15.53 4.14 2.69
C VAL A 141 -15.07 2.78 3.19
N ARG A 142 -16.04 1.96 3.58
N ARG A 142 -16.05 1.98 3.59
CA ARG A 142 -15.76 0.59 3.97
CA ARG A 142 -15.79 0.60 3.90
C ARG A 142 -15.88 -0.35 2.78
C ARG A 142 -15.74 -0.22 2.61
N PHE A 143 -14.85 -1.19 2.58
CA PHE A 143 -14.72 -2.05 1.42
C PHE A 143 -14.31 -3.42 1.95
N GLY A 144 -15.26 -4.33 2.02
CA GLY A 144 -15.03 -5.55 2.73
C GLY A 144 -14.48 -5.26 4.10
N PRO A 145 -13.48 -6.04 4.56
CA PRO A 145 -13.04 -5.93 5.96
C PRO A 145 -12.09 -4.78 6.23
N VAL A 146 -12.01 -3.77 5.35
CA VAL A 146 -11.15 -2.62 5.59
C VAL A 146 -11.95 -1.34 5.40
N GLU A 147 -11.38 -0.25 5.91
CA GLU A 147 -11.81 1.09 5.60
C GLU A 147 -10.77 1.71 4.69
N LEU A 148 -11.20 2.26 3.58
CA LEU A 148 -10.33 3.00 2.68
C LEU A 148 -10.51 4.48 2.97
N PHE A 149 -9.42 5.22 2.98
CA PHE A 149 -9.39 6.62 3.38
C PHE A 149 -8.54 7.39 2.41
N TYR A 150 -9.06 8.49 1.90
CA TYR A 150 -8.28 9.39 1.08
C TYR A 150 -7.85 10.57 1.96
N PRO A 151 -6.58 10.68 2.34
CA PRO A 151 -6.16 11.72 3.29
C PRO A 151 -5.84 13.06 2.64
N GLY A 152 -5.88 13.13 1.32
CA GLY A 152 -5.34 14.23 0.57
C GLY A 152 -4.02 13.84 -0.08
N ALA A 153 -3.55 14.73 -0.95
CA ALA A 153 -2.33 14.49 -1.69
C ALA A 153 -1.13 14.36 -0.74
N ALA A 154 -0.24 13.43 -1.08
CA ALA A 154 0.96 13.26 -0.27
C ALA A 154 2.05 12.68 -1.15
N HIS A 155 2.33 11.39 -1.01
CA HIS A 155 3.25 10.72 -1.92
C HIS A 155 2.78 10.83 -3.37
N SER A 156 1.46 10.78 -3.58
CA SER A 156 0.86 11.05 -4.89
C SER A 156 -0.46 11.74 -4.63
N THR A 157 -1.06 12.30 -5.67
CA THR A 157 -2.33 13.00 -5.53
CA THR A 157 -2.32 13.00 -5.46
C THR A 157 -3.47 12.06 -5.20
N ASP A 158 -3.36 10.78 -5.56
CA ASP A 158 -4.41 9.79 -5.46
C ASP A 158 -4.23 8.83 -4.30
N ASN A 159 -3.20 8.99 -3.49
CA ASN A 159 -2.87 7.92 -2.54
C ASN A 159 -3.99 7.68 -1.52
N LEU A 160 -4.29 6.40 -1.33
CA LEU A 160 -5.23 5.93 -0.33
C LEU A 160 -4.46 5.26 0.80
N VAL A 161 -5.00 5.33 2.00
CA VAL A 161 -4.54 4.49 3.09
C VAL A 161 -5.66 3.54 3.48
N VAL A 162 -5.30 2.49 4.19
CA VAL A 162 -6.20 1.39 4.47
C VAL A 162 -6.13 1.06 5.96
N TYR A 163 -7.29 1.03 6.61
CA TYR A 163 -7.36 0.68 8.03
C TYR A 163 -8.12 -0.62 8.18
N VAL A 164 -7.63 -1.51 9.03
CA VAL A 164 -8.28 -2.78 9.34
C VAL A 164 -8.85 -2.67 10.73
N PRO A 165 -10.17 -2.39 10.87
CA PRO A 165 -10.72 -2.14 12.21
C PRO A 165 -10.57 -3.31 13.17
N SER A 166 -10.63 -4.56 12.69
CA SER A 166 -10.64 -5.70 13.61
C SER A 166 -9.31 -5.84 14.32
N ALA A 167 -8.22 -5.34 13.71
CA ALA A 167 -6.89 -5.52 14.23
C ALA A 167 -6.16 -4.20 14.51
N SER A 168 -6.79 -3.06 14.28
CA SER A 168 -6.16 -1.76 14.46
C SER A 168 -4.85 -1.67 13.68
N VAL A 169 -4.89 -2.11 12.43
CA VAL A 169 -3.74 -2.05 11.52
C VAL A 169 -3.98 -0.93 10.53
N LEU A 170 -3.05 -0.01 10.45
CA LEU A 170 -3.05 1.07 9.48
C LEU A 170 -1.99 0.77 8.43
N TYR A 171 -2.43 0.55 7.19
CA TYR A 171 -1.54 0.39 6.06
CA TYR A 171 -1.51 0.40 6.07
C TYR A 171 -1.44 1.74 5.35
N GLY A 172 -0.27 2.38 5.44
CA GLY A 172 -0.10 3.70 4.89
C GLY A 172 0.27 3.75 3.44
N GLY A 173 0.61 2.61 2.83
CA GLY A 173 1.19 2.63 1.52
C GLY A 173 2.34 3.61 1.46
N CYS A 174 2.54 4.16 0.28
CA CYS A 174 3.77 4.91 0.04
C CYS A 174 3.76 6.31 0.63
N ALA A 175 2.63 6.75 1.17
CA ALA A 175 2.55 7.98 1.95
C ALA A 175 3.22 7.90 3.31
N ILE A 176 3.56 6.70 3.77
CA ILE A 176 4.21 6.50 5.07
C ILE A 176 5.54 5.79 4.82
N TYR A 177 6.60 6.34 5.39
CA TYR A 177 7.94 5.78 5.31
C TYR A 177 8.27 4.92 6.54
N GLU A 178 9.07 3.89 6.32
CA GLU A 178 9.68 3.16 7.43
C GLU A 178 10.72 4.04 8.12
N LEU A 179 10.98 3.72 9.39
CA LEU A 179 11.93 4.51 10.18
C LEU A 179 13.33 4.53 9.56
N SER A 180 13.76 3.42 8.96
CA SER A 180 15.10 3.38 8.39
C SER A 180 15.29 4.36 7.24
N ARG A 181 14.21 4.85 6.63
N ARG A 181 14.21 4.82 6.60
CA ARG A 181 14.30 5.74 5.50
CA ARG A 181 14.31 5.75 5.50
C ARG A 181 14.32 7.18 6.02
C ARG A 181 14.34 7.16 6.06
N THR A 182 15.45 7.86 5.89
CA THR A 182 15.60 9.21 6.42
C THR A 182 15.69 10.27 5.33
N SER A 183 15.56 9.88 4.07
CA SER A 183 15.46 10.83 2.97
C SER A 183 14.28 10.44 2.08
N ALA A 184 13.77 11.44 1.34
CA ALA A 184 12.49 11.29 0.66
C ALA A 184 12.60 10.44 -0.61
N GLY A 185 13.49 10.80 -1.52
CA GLY A 185 13.61 10.07 -2.77
C GLY A 185 13.14 10.86 -3.98
N ASN A 186 12.50 10.17 -4.93
CA ASN A 186 11.98 10.82 -6.13
C ASN A 186 10.56 11.29 -5.83
N VAL A 187 10.38 12.59 -5.73
CA VAL A 187 9.07 13.11 -5.30
C VAL A 187 8.42 13.82 -6.48
N ALA A 188 8.80 13.41 -7.70
CA ALA A 188 8.26 14.00 -8.92
C ALA A 188 6.73 14.02 -8.95
N ASP A 189 6.08 12.95 -8.45
CA ASP A 189 4.63 12.90 -8.45
C ASP A 189 4.03 13.27 -7.10
N ALA A 190 4.86 13.66 -6.14
CA ALA A 190 4.40 13.96 -4.80
C ALA A 190 3.93 15.39 -4.69
N ASP A 191 3.09 15.62 -3.69
CA ASP A 191 2.70 16.95 -3.26
C ASP A 191 3.40 17.16 -1.92
N LEU A 192 4.65 17.62 -1.98
CA LEU A 192 5.45 17.77 -0.77
C LEU A 192 4.78 18.72 0.20
N ALA A 193 4.15 19.76 -0.34
CA ALA A 193 3.58 20.81 0.50
C ALA A 193 2.37 20.31 1.26
N GLU A 194 1.57 19.44 0.66
CA GLU A 194 0.38 18.96 1.33
C GLU A 194 0.64 17.74 2.18
N TRP A 195 1.75 17.03 1.95
CA TRP A 195 1.99 15.75 2.61
C TRP A 195 1.88 15.84 4.12
N PRO A 196 2.48 16.82 4.79
CA PRO A 196 2.33 16.87 6.25
C PRO A 196 0.88 17.05 6.71
N THR A 197 0.10 17.85 5.99
CA THR A 197 -1.31 18.02 6.34
C THR A 197 -2.08 16.72 6.13
N SER A 198 -1.79 16.01 5.05
CA SER A 198 -2.45 14.73 4.82
C SER A 198 -2.11 13.72 5.91
N ILE A 199 -0.85 13.71 6.36
CA ILE A 199 -0.48 12.84 7.48
C ILE A 199 -1.24 13.23 8.75
N GLU A 200 -1.36 14.53 9.02
N GLU A 200 -1.36 14.53 9.02
CA GLU A 200 -2.14 14.93 10.19
CA GLU A 200 -2.15 14.96 10.17
C GLU A 200 -3.58 14.44 10.08
C GLU A 200 -3.57 14.44 10.07
N ARG A 201 -4.15 14.45 8.87
CA ARG A 201 -5.51 13.95 8.72
C ARG A 201 -5.59 12.46 9.03
N ILE A 202 -4.57 11.68 8.64
CA ILE A 202 -4.53 10.27 9.01
C ILE A 202 -4.46 10.13 10.52
N GLN A 203 -3.58 10.93 11.16
N GLN A 203 -3.58 10.92 11.16
CA GLN A 203 -3.45 10.90 12.61
CA GLN A 203 -3.47 10.85 12.61
C GLN A 203 -4.77 11.20 13.29
C GLN A 203 -4.80 11.19 13.28
N GLN A 204 -5.52 12.18 12.76
CA GLN A 204 -6.77 12.58 13.39
C GLN A 204 -7.87 11.55 13.15
N HIS A 205 -7.87 10.86 12.01
CA HIS A 205 -8.92 9.91 11.71
C HIS A 205 -8.65 8.50 12.24
N TYR A 206 -7.37 8.12 12.38
CA TYR A 206 -7.01 6.78 12.85
C TYR A 206 -6.06 6.85 14.04
N PRO A 207 -6.41 7.61 15.07
CA PRO A 207 -5.50 7.74 16.21
C PRO A 207 -5.33 6.45 17.01
N GLU A 208 -6.19 5.46 16.80
CA GLU A 208 -6.13 4.22 17.55
C GLU A 208 -5.28 3.13 16.90
N ALA A 209 -4.64 3.43 15.78
CA ALA A 209 -3.84 2.42 15.08
C ALA A 209 -2.71 1.91 15.98
N GLN A 210 -2.58 0.59 16.05
CA GLN A 210 -1.54 -0.06 16.83
C GLN A 210 -0.36 -0.50 16.00
N PHE A 211 -0.59 -0.80 14.74
CA PHE A 211 0.42 -1.33 13.84
C PHE A 211 0.33 -0.46 12.59
N VAL A 212 1.44 0.12 12.17
CA VAL A 212 1.49 0.97 10.98
C VAL A 212 2.43 0.32 9.99
N ILE A 213 1.93 0.04 8.80
CA ILE A 213 2.70 -0.61 7.74
CA ILE A 213 2.67 -0.62 7.72
C ILE A 213 3.03 0.43 6.68
N PRO A 214 4.31 0.72 6.44
CA PRO A 214 4.69 1.63 5.36
C PRO A 214 4.64 0.89 4.01
N GLY A 215 4.70 1.68 2.93
CA GLY A 215 4.73 1.08 1.60
C GLY A 215 5.98 0.24 1.36
N HIS A 216 7.08 0.61 1.99
CA HIS A 216 8.35 -0.08 1.87
C HIS A 216 9.00 -0.19 3.23
N GLY A 217 9.34 -1.40 3.64
CA GLY A 217 10.14 -1.60 4.82
C GLY A 217 9.35 -2.03 6.04
N LEU A 218 10.00 -1.84 7.20
CA LEU A 218 9.54 -2.46 8.44
C LEU A 218 8.32 -1.74 9.01
N PRO A 219 7.34 -2.48 9.51
CA PRO A 219 6.24 -1.87 10.26
C PRO A 219 6.70 -1.30 11.58
N GLY A 220 5.85 -0.46 12.13
CA GLY A 220 6.09 0.06 13.46
C GLY A 220 4.79 0.53 14.06
N GLY A 221 4.90 1.51 14.96
CA GLY A 221 3.74 2.14 15.55
C GLY A 221 3.41 3.46 14.90
N LEU A 222 2.56 4.23 15.60
CA LEU A 222 2.12 5.51 15.05
C LEU A 222 3.26 6.50 14.87
N ASP A 223 4.41 6.25 15.54
N ASP A 223 4.42 6.29 15.52
CA ASP A 223 5.60 7.07 15.36
CA ASP A 223 5.49 7.25 15.29
C ASP A 223 5.98 7.20 13.88
C ASP A 223 6.07 7.17 13.89
N LEU A 224 5.65 6.20 13.07
CA LEU A 224 5.99 6.26 11.66
C LEU A 224 5.36 7.48 10.98
N LEU A 225 4.22 7.95 11.45
CA LEU A 225 3.59 9.13 10.85
C LEU A 225 4.42 10.37 11.10
N LYS A 226 4.84 10.59 12.35
CA LYS A 226 5.65 11.77 12.65
C LYS A 226 7.01 11.68 11.97
N HIS A 227 7.58 10.48 11.96
CA HIS A 227 8.83 10.27 11.23
C HIS A 227 8.69 10.69 9.77
N THR A 228 7.60 10.27 9.12
CA THR A 228 7.44 10.59 7.71
C THR A 228 7.34 12.10 7.51
N THR A 229 6.53 12.77 8.35
CA THR A 229 6.46 14.22 8.29
C THR A 229 7.85 14.84 8.42
N ASN A 230 8.66 14.33 9.36
CA ASN A 230 9.99 14.91 9.56
C ASN A 230 10.84 14.75 8.32
N VAL A 231 10.78 13.58 7.68
CA VAL A 231 11.59 13.34 6.50
C VAL A 231 11.11 14.21 5.33
N VAL A 232 9.80 14.28 5.12
CA VAL A 232 9.24 15.07 4.03
C VAL A 232 9.57 16.55 4.19
N LYS A 233 9.43 17.08 5.41
CA LYS A 233 9.79 18.47 5.65
C LYS A 233 11.27 18.71 5.40
N ALA A 234 12.12 17.76 5.80
CA ALA A 234 13.55 17.97 5.59
C ALA A 234 13.89 18.02 4.11
N HIS A 235 13.18 17.22 3.30
CA HIS A 235 13.44 17.25 1.86
C HIS A 235 12.98 18.57 1.28
N THR A 236 11.79 19.03 1.69
CA THR A 236 11.29 20.32 1.25
C THR A 236 12.32 21.42 1.45
N ASN A 237 13.09 21.34 2.54
CA ASN A 237 14.06 22.38 2.90
C ASN A 237 15.44 22.16 2.31
N ARG A 238 15.59 21.30 1.32
CA ARG A 238 16.90 21.12 0.69
C ARG A 238 17.01 21.94 -0.61
N SER A 239 18.21 21.96 -1.18
ZN ZN B . 4.34 5.68 -5.65
ZN ZN C . 6.15 2.77 -3.29
ZN ZN D . -15.89 -7.38 -11.37
CL CL E . -14.04 -8.17 -12.23
CL CL F . -16.64 -8.52 -9.71
CL CL G . 8.71 5.95 -2.37
NA NA H . 8.06 8.85 -1.64
B12 A1H7J I . 6.70 4.35 -5.67
C10 A1H7J I . 7.62 2.55 -7.54
C11 A1H7J I . 7.39 3.80 -6.98
C17 A1H7J I . 11.02 3.60 -5.89
C18 A1H7J I . 10.95 2.52 -4.82
C19 A1H7J I . 11.01 3.25 -3.48
C20 A1H7J I . 11.80 4.48 -3.76
C4 A1H7J I . 8.80 7.02 -6.57
C5 A1H7J I . 7.56 6.20 -6.90
C6 A1H7J I . 7.86 4.93 -7.65
C7 A1H7J I . 8.54 4.82 -8.86
C8 A1H7J I . 8.76 3.56 -9.40
C9 A1H7J I . 8.30 2.43 -8.75
N16 A1H7J I . 11.39 4.81 -5.13
N3 A1H7J I . 9.56 6.43 -5.46
O1 A1H7J I . 11.43 6.46 -7.05
O13 A1H7J I . 7.24 3.89 -4.35
O14 A1H7J I . 5.27 4.12 -5.55
O15 A1H7J I . 6.87 5.79 -5.74
O21 A1H7J I . 11.80 7.17 -4.70
S2 A1H7J I . 11.17 6.32 -5.66
H10 A1H7J I . 7.31 1.74 -7.09
H17A A1H7J I . 11.71 3.35 -6.56
H17B A1H7J I . 10.16 3.67 -6.34
H18B A1H7J I . 11.70 1.90 -4.91
H18A A1H7J I . 10.11 2.02 -4.90
H19A A1H7J I . 11.45 2.69 -2.80
H19B A1H7J I . 10.11 3.47 -3.16
H20B A1H7J I . 12.77 4.31 -3.72
H20A A1H7J I . 11.58 5.21 -3.14
H4A A1H7J I . 9.35 7.07 -7.38
H4B A1H7J I . 8.50 7.93 -6.35
H5 A1H7J I . 6.94 6.73 -7.44
H7 A1H7J I . 8.86 5.62 -9.33
H8 A1H7J I . 9.24 3.48 -10.25
H9 A1H7J I . 8.45 1.55 -9.14
H3 A1H7J I . 9.47 7.00 -4.78
H13 A1H7J I . 8.06 4.12 -4.35
H14 A1H7J I . 5.13 3.34 -5.88
#